data_4CMM
#
_entry.id   4CMM
#
_cell.length_a   67.390
_cell.length_b   32.470
_cell.length_c   69.610
_cell.angle_alpha   90.00
_cell.angle_beta   115.06
_cell.angle_gamma   90.00
#
_symmetry.space_group_name_H-M   'P 1 2 1'
#
loop_
_entity.id
_entity.type
_entity.pdbx_description
1 polymer 'TYROSINE-PROTEIN PHOSPHATASE NON-RECEPTOR TYPE SUBSTRATE 1'
2 polymer 'LEUKOCYTE SURFACE ANTIGEN CD47'
3 non-polymer 2-acetamido-2-deoxy-beta-D-glucopyranose
4 water water
#
loop_
_entity_poly.entity_id
_entity_poly.type
_entity_poly.pdbx_seq_one_letter_code
_entity_poly.pdbx_strand_id
1 'polypeptide(L)'
;EEELQVIQPDKSVLVAAGETATLRCTATSLIPVGPIQWFRGAGPGRELIYNQKEGHFPRVTTVSDLTKRNNMDFSIRIGN
ITPADAGTYYCVKFRKGSPDDVEFKSGAGTELSVRAKPSTRHHHHHH
;
A
2 'polypeptide(L)'
;(PCA)LLFNKTKSVEFTFGNDTVVIPCFVTNMEAQNTTEVYVKWKFKGRDIYTFDGALNKSTVPTDFSSAKIEVSQLLKG
DASLKMDKSDAVSHTGNYTCEVTELTREGETIIELKYRVVSWSTRHHHHHH
;
B
#
# COMPACT_ATOMS: atom_id res chain seq x y z
N GLU A 3 -17.24 -15.54 7.49
CA GLU A 3 -17.19 -14.29 6.72
C GLU A 3 -16.52 -13.17 7.53
N LEU A 4 -15.70 -12.34 6.85
CA LEU A 4 -14.99 -11.24 7.49
C LEU A 4 -15.87 -10.19 8.15
N GLN A 5 -15.47 -9.79 9.35
CA GLN A 5 -16.03 -8.66 10.09
C GLN A 5 -14.88 -7.69 10.41
N VAL A 6 -15.14 -6.41 10.20
CA VAL A 6 -14.24 -5.33 10.53
C VAL A 6 -14.99 -4.67 11.68
N ILE A 7 -14.45 -4.83 12.88
CA ILE A 7 -15.13 -4.41 14.10
C ILE A 7 -14.51 -3.20 14.74
N GLN A 8 -15.32 -2.16 14.86
CA GLN A 8 -15.01 -0.93 15.58
C GLN A 8 -15.87 -1.04 16.84
N PRO A 9 -15.28 -1.50 17.96
CA PRO A 9 -16.09 -1.72 19.18
C PRO A 9 -16.63 -0.44 19.82
N ASP A 10 -15.99 0.72 19.57
CA ASP A 10 -16.48 1.98 20.15
C ASP A 10 -17.31 2.78 19.15
N LYS A 11 -18.60 3.06 19.50
CA LYS A 11 -19.45 3.88 18.64
C LYS A 11 -19.01 5.34 18.80
N SER A 12 -18.45 5.68 19.97
CA SER A 12 -17.98 7.03 20.23
C SER A 12 -16.76 7.08 21.12
N VAL A 13 -15.98 8.13 20.95
CA VAL A 13 -14.79 8.43 21.72
C VAL A 13 -14.83 9.94 22.00
N LEU A 14 -14.71 10.32 23.27
CA LEU A 14 -14.66 11.71 23.70
C LEU A 14 -13.22 11.97 24.13
N VAL A 15 -12.60 13.01 23.57
CA VAL A 15 -11.19 13.34 23.84
C VAL A 15 -11.06 14.79 24.21
N ALA A 16 -10.26 15.07 25.25
CA ALA A 16 -9.97 16.43 25.66
C ALA A 16 -8.95 17.02 24.65
N ALA A 17 -9.07 18.32 24.32
CA ALA A 17 -8.17 18.95 23.37
C ALA A 17 -6.72 18.85 23.84
N GLY A 18 -5.86 18.46 22.92
CA GLY A 18 -4.45 18.25 23.18
C GLY A 18 -4.13 16.81 23.50
N GLU A 19 -5.16 15.99 23.81
CA GLU A 19 -4.88 14.59 24.17
C GLU A 19 -4.96 13.64 22.95
N THR A 20 -4.71 12.36 23.18
CA THR A 20 -4.69 11.35 22.13
C THR A 20 -6.00 10.59 22.02
N ALA A 21 -6.49 10.41 20.81
CA ALA A 21 -7.70 9.63 20.57
C ALA A 21 -7.24 8.24 20.16
N THR A 22 -7.93 7.18 20.64
CA THR A 22 -7.66 5.81 20.22
C THR A 22 -8.88 5.32 19.45
N LEU A 23 -8.65 5.01 18.18
CA LEU A 23 -9.67 4.52 17.26
C LEU A 23 -9.42 3.04 17.07
N ARG A 24 -10.29 2.21 17.66
CA ARG A 24 -10.15 0.75 17.68
C ARG A 24 -10.78 0.05 16.52
N CYS A 25 -10.07 -0.93 15.97
CA CYS A 25 -10.50 -1.75 14.88
C CYS A 25 -9.80 -3.09 14.95
N THR A 26 -10.54 -4.16 14.70
CA THR A 26 -9.98 -5.51 14.62
C THR A 26 -10.64 -6.23 13.46
N ALA A 27 -9.87 -6.99 12.70
CA ALA A 27 -10.41 -7.79 11.61
C ALA A 27 -10.51 -9.21 12.15
N THR A 28 -11.54 -9.95 11.79
CA THR A 28 -11.72 -11.33 12.28
C THR A 28 -10.92 -12.29 11.39
N SER A 29 -10.45 -11.78 10.22
CA SER A 29 -9.70 -12.57 9.25
C SER A 29 -8.76 -11.64 8.42
N LEU A 30 -7.74 -12.24 7.75
CA LEU A 30 -6.77 -11.47 6.94
C LEU A 30 -6.92 -11.71 5.44
N ILE A 31 -7.99 -12.44 5.09
CA ILE A 31 -8.40 -12.76 3.72
C ILE A 31 -9.74 -12.08 3.47
N PRO A 32 -10.07 -11.66 2.24
CA PRO A 32 -9.29 -11.79 1.00
C PRO A 32 -8.10 -10.85 1.04
N VAL A 33 -7.15 -11.05 0.14
CA VAL A 33 -5.94 -10.22 0.03
C VAL A 33 -6.35 -8.75 -0.21
N GLY A 34 -5.80 -7.86 0.57
CA GLY A 34 -6.12 -6.45 0.39
C GLY A 34 -5.91 -5.66 1.66
N PRO A 35 -5.73 -4.34 1.54
CA PRO A 35 -5.41 -3.53 2.72
C PRO A 35 -6.58 -3.11 3.57
N ILE A 36 -6.26 -2.65 4.77
CA ILE A 36 -7.20 -2.01 5.65
C ILE A 36 -6.70 -0.59 5.75
N GLN A 37 -7.61 0.38 5.58
CA GLN A 37 -7.30 1.80 5.70
C GLN A 37 -8.35 2.48 6.61
N TRP A 38 -7.97 3.58 7.24
CA TRP A 38 -8.85 4.44 8.07
C TRP A 38 -9.19 5.66 7.25
N PHE A 39 -10.46 6.09 7.34
CA PHE A 39 -10.97 7.29 6.69
C PHE A 39 -11.77 8.08 7.67
N ARG A 40 -11.92 9.37 7.39
CA ARG A 40 -12.84 10.21 8.15
C ARG A 40 -13.98 10.46 7.16
N GLY A 41 -15.19 10.06 7.57
CA GLY A 41 -16.38 10.18 6.72
C GLY A 41 -16.52 8.99 5.79
N ALA A 42 -17.67 8.92 5.10
CA ALA A 42 -17.95 7.90 4.11
C ALA A 42 -18.36 8.65 2.86
N GLY A 43 -18.53 7.93 1.77
CA GLY A 43 -18.94 8.56 0.52
C GLY A 43 -17.79 8.99 -0.36
N PRO A 44 -18.06 9.96 -1.29
CA PRO A 44 -17.02 10.36 -2.26
C PRO A 44 -15.93 11.27 -1.68
N GLY A 45 -16.29 12.12 -0.72
CA GLY A 45 -15.35 13.07 -0.11
C GLY A 45 -14.70 12.63 1.21
N ARG A 46 -14.71 11.30 1.51
CA ARG A 46 -14.08 10.77 2.72
C ARG A 46 -12.57 11.06 2.67
N GLU A 47 -11.96 11.32 3.81
CA GLU A 47 -10.57 11.70 3.93
C GLU A 47 -9.70 10.54 4.40
N LEU A 48 -8.60 10.26 3.70
CA LEU A 48 -7.72 9.17 4.11
C LEU A 48 -6.99 9.58 5.40
N ILE A 49 -7.09 8.75 6.40
CA ILE A 49 -6.48 9.05 7.70
C ILE A 49 -5.23 8.20 7.94
N TYR A 50 -5.26 6.96 7.47
CA TYR A 50 -4.12 6.07 7.66
C TYR A 50 -4.20 4.92 6.73
N ASN A 51 -3.03 4.51 6.22
CA ASN A 51 -2.80 3.22 5.61
C ASN A 51 -1.34 2.87 5.96
N GLN A 52 -0.90 1.61 5.71
CA GLN A 52 0.43 1.13 6.08
C GLN A 52 1.53 1.66 5.18
N LYS A 53 1.20 2.16 3.99
CA LYS A 53 2.24 2.68 3.09
C LYS A 53 2.87 3.97 3.61
N GLU A 54 4.08 4.27 3.12
CA GLU A 54 4.73 5.53 3.46
C GLU A 54 3.91 6.63 2.80
N GLY A 55 3.20 7.31 3.65
CA GLY A 55 2.35 8.41 3.28
C GLY A 55 2.53 9.46 4.33
N HIS A 56 1.75 10.51 4.22
CA HIS A 56 1.85 11.59 5.18
C HIS A 56 0.75 11.47 6.26
N PHE A 57 1.05 10.69 7.32
CA PHE A 57 0.16 10.53 8.50
C PHE A 57 1.06 10.74 9.75
N PRO A 58 1.72 11.94 9.91
CA PRO A 58 2.61 12.14 11.05
C PRO A 58 1.95 12.06 12.42
N ARG A 59 0.70 12.57 12.58
CA ARG A 59 0.07 12.55 13.89
C ARG A 59 -0.49 11.16 14.34
N VAL A 60 -0.43 10.19 13.45
CA VAL A 60 -0.94 8.83 13.63
C VAL A 60 0.14 7.83 14.03
N THR A 61 -0.16 7.00 15.07
CA THR A 61 0.64 5.84 15.48
C THR A 61 -0.34 4.68 15.56
N THR A 62 0.16 3.45 15.47
CA THR A 62 -0.68 2.26 15.50
C THR A 62 -0.60 1.66 16.91
N VAL A 63 -1.68 1.05 17.41
CA VAL A 63 -1.67 0.41 18.74
C VAL A 63 -0.75 -0.85 18.71
N SER A 64 -0.88 -1.66 17.65
CA SER A 64 -0.10 -2.89 17.46
CA SER A 64 -0.10 -2.90 17.47
C SER A 64 1.00 -2.74 16.40
N ASP A 65 1.76 -3.82 16.15
CA ASP A 65 2.82 -3.80 15.15
C ASP A 65 2.26 -4.32 13.84
N LEU A 66 1.93 -3.40 12.91
CA LEU A 66 1.31 -3.73 11.63
C LEU A 66 2.30 -4.37 10.60
N THR A 67 3.60 -4.46 10.95
CA THR A 67 4.58 -5.17 10.09
C THR A 67 4.44 -6.70 10.30
N LYS A 68 3.62 -7.14 11.29
CA LYS A 68 3.41 -8.58 11.55
C LYS A 68 2.35 -9.13 10.66
N ARG A 69 2.69 -10.27 10.01
CA ARG A 69 1.86 -11.03 9.09
C ARG A 69 0.54 -11.45 9.77
N ASN A 70 0.62 -11.89 11.04
CA ASN A 70 -0.56 -12.36 11.78
C ASN A 70 -1.29 -11.24 12.52
N ASN A 71 -0.84 -10.00 12.42
CA ASN A 71 -1.53 -8.91 13.11
C ASN A 71 -2.97 -8.76 12.61
N MET A 72 -3.94 -8.65 13.55
CA MET A 72 -5.38 -8.47 13.28
C MET A 72 -5.90 -7.21 13.99
N ASP A 73 -5.01 -6.46 14.65
CA ASP A 73 -5.38 -5.22 15.33
C ASP A 73 -4.99 -4.07 14.43
N PHE A 74 -5.96 -3.27 13.99
CA PHE A 74 -5.75 -2.16 13.06
C PHE A 74 -6.06 -0.82 13.72
N SER A 75 -6.12 -0.85 15.05
CA SER A 75 -6.38 0.34 15.86
C SER A 75 -5.27 1.36 15.71
N ILE A 76 -5.65 2.62 15.71
CA ILE A 76 -4.69 3.69 15.58
C ILE A 76 -4.91 4.69 16.70
N ARG A 77 -3.90 5.56 16.91
CA ARG A 77 -3.91 6.66 17.87
CA ARG A 77 -3.92 6.65 17.87
C ARG A 77 -3.64 7.94 17.10
N ILE A 78 -4.39 9.02 17.38
CA ILE A 78 -4.15 10.31 16.73
C ILE A 78 -3.81 11.23 17.88
N GLY A 79 -2.60 11.80 17.87
CA GLY A 79 -2.12 12.66 18.93
C GLY A 79 -2.53 14.10 18.75
N ASN A 80 -2.43 14.89 19.83
CA ASN A 80 -2.73 16.33 19.82
C ASN A 80 -4.07 16.66 19.13
N ILE A 81 -5.14 16.08 19.66
CA ILE A 81 -6.47 16.27 19.13
C ILE A 81 -6.99 17.70 19.30
N THR A 82 -7.67 18.22 18.27
CA THR A 82 -8.30 19.53 18.35
C THR A 82 -9.75 19.34 17.85
N PRO A 83 -10.65 20.35 17.96
CA PRO A 83 -12.02 20.18 17.41
C PRO A 83 -12.06 19.90 15.92
N ALA A 84 -11.00 20.30 15.21
CA ALA A 84 -10.86 20.06 13.78
C ALA A 84 -10.79 18.56 13.45
N ASP A 85 -10.39 17.73 14.39
CA ASP A 85 -10.33 16.28 14.22
C ASP A 85 -11.72 15.59 14.43
N ALA A 86 -12.75 16.31 14.95
CA ALA A 86 -14.05 15.69 15.15
C ALA A 86 -14.64 15.14 13.85
N GLY A 87 -15.39 14.08 13.97
CA GLY A 87 -16.04 13.42 12.84
C GLY A 87 -16.17 11.93 13.08
N THR A 88 -16.68 11.21 12.09
CA THR A 88 -16.87 9.75 12.19
C THR A 88 -15.77 9.09 11.40
N TYR A 89 -15.12 8.13 12.05
CA TYR A 89 -14.00 7.42 11.47
C TYR A 89 -14.37 6.02 11.20
N TYR A 90 -13.92 5.53 10.05
CA TYR A 90 -14.19 4.20 9.57
C TYR A 90 -12.92 3.45 9.24
N CYS A 91 -12.87 2.21 9.69
CA CYS A 91 -11.81 1.23 9.43
C CYS A 91 -12.38 0.41 8.28
N VAL A 92 -11.73 0.47 7.11
CA VAL A 92 -12.24 -0.10 5.87
C VAL A 92 -11.27 -1.11 5.23
N LYS A 93 -11.78 -2.29 4.86
CA LYS A 93 -11.06 -3.37 4.17
C LYS A 93 -11.38 -3.31 2.68
N PHE A 94 -10.34 -3.46 1.85
CA PHE A 94 -10.41 -3.49 0.40
C PHE A 94 -9.90 -4.80 -0.09
N ARG A 95 -10.37 -5.20 -1.28
CA ARG A 95 -9.89 -6.33 -2.07
C ARG A 95 -9.02 -5.63 -3.09
N LYS A 96 -7.99 -6.33 -3.60
CA LYS A 96 -7.12 -5.78 -4.61
C LYS A 96 -7.78 -5.69 -6.00
N GLY A 97 -7.42 -4.66 -6.76
CA GLY A 97 -7.95 -4.46 -8.09
C GLY A 97 -7.21 -3.41 -8.87
N SER A 98 -7.33 -3.46 -10.19
CA SER A 98 -6.70 -2.53 -11.11
C SER A 98 -7.76 -2.10 -12.14
N PRO A 99 -7.96 -0.80 -12.35
CA PRO A 99 -7.19 0.35 -11.85
C PRO A 99 -7.44 0.77 -10.37
N ASP A 100 -8.39 0.16 -9.68
CA ASP A 100 -8.70 0.53 -8.30
C ASP A 100 -8.96 -0.67 -7.43
N ASP A 101 -8.55 -0.57 -6.17
CA ASP A 101 -8.86 -1.54 -5.14
C ASP A 101 -10.37 -1.28 -4.83
N VAL A 102 -11.09 -2.33 -4.48
CA VAL A 102 -12.54 -2.27 -4.28
C VAL A 102 -12.86 -2.51 -2.82
N GLU A 103 -13.62 -1.58 -2.22
CA GLU A 103 -14.03 -1.70 -0.84
C GLU A 103 -14.82 -3.02 -0.67
N PHE A 104 -14.40 -3.78 0.31
CA PHE A 104 -14.94 -5.07 0.64
C PHE A 104 -15.81 -5.03 1.89
N LYS A 105 -15.31 -4.47 3.01
CA LYS A 105 -16.05 -4.40 4.28
C LYS A 105 -15.62 -3.16 5.05
N SER A 106 -16.56 -2.50 5.72
CA SER A 106 -16.26 -1.35 6.57
C SER A 106 -16.78 -1.62 7.97
N GLY A 107 -16.06 -1.11 8.95
CA GLY A 107 -16.48 -1.13 10.34
C GLY A 107 -17.66 -0.18 10.47
N ALA A 108 -18.32 -0.16 11.65
CA ALA A 108 -19.54 0.63 11.86
C ALA A 108 -19.33 2.11 12.14
N GLY A 109 -18.08 2.52 12.32
CA GLY A 109 -17.74 3.92 12.58
C GLY A 109 -17.58 4.28 14.02
N THR A 110 -16.71 5.24 14.27
CA THR A 110 -16.43 5.71 15.64
C THR A 110 -16.55 7.22 15.58
N GLU A 111 -17.47 7.78 16.36
CA GLU A 111 -17.63 9.22 16.39
C GLU A 111 -16.61 9.80 17.35
N LEU A 112 -15.68 10.58 16.82
CA LEU A 112 -14.72 11.25 17.65
C LEU A 112 -15.29 12.64 17.97
N SER A 113 -15.53 12.91 19.26
CA SER A 113 -16.00 14.20 19.79
C SER A 113 -14.88 14.79 20.63
N VAL A 114 -14.83 16.12 20.71
CA VAL A 114 -13.73 16.80 21.41
C VAL A 114 -14.28 17.73 22.51
N ARG A 115 -13.63 17.73 23.66
CA ARG A 115 -14.03 18.63 24.76
C ARG A 115 -12.86 19.51 25.15
N ALA A 116 -13.15 20.69 25.74
CA ALA A 116 -12.12 21.62 26.21
C ALA A 116 -11.35 21.01 27.36
N LYS A 117 -10.08 21.37 27.46
CA LYS A 117 -9.22 20.91 28.54
C LYS A 117 -9.11 22.05 29.56
N PRO A 118 -9.19 21.80 30.92
CA PRO A 118 -8.99 22.90 31.86
C PRO A 118 -7.62 23.59 31.80
N SER A 119 -7.65 24.94 31.87
CA SER A 119 -6.57 25.93 31.87
C SER A 119 -5.89 26.16 30.52
N LEU B 2 4.54 -3.94 4.55
CA LEU B 2 5.62 -4.65 3.87
C LEU B 2 6.71 -3.57 3.70
N LEU B 3 7.95 -3.90 4.13
CA LEU B 3 9.11 -3.01 4.12
C LEU B 3 10.06 -3.36 2.97
N PHE B 4 10.75 -2.35 2.43
CA PHE B 4 11.57 -2.51 1.22
C PHE B 4 13.05 -2.15 1.33
N ASN B 5 13.90 -2.85 0.54
CA ASN B 5 15.32 -2.53 0.35
C ASN B 5 15.30 -1.53 -0.83
N LYS B 6 15.19 -0.24 -0.51
CA LYS B 6 15.00 0.88 -1.44
C LYS B 6 16.22 1.27 -2.28
N THR B 7 15.98 1.49 -3.60
CA THR B 7 16.94 1.98 -4.59
C THR B 7 16.28 3.24 -5.17
N LYS B 8 16.96 4.38 -5.07
CA LYS B 8 16.42 5.64 -5.58
C LYS B 8 16.24 5.55 -7.10
N SER B 9 17.26 5.02 -7.80
CA SER B 9 17.19 4.97 -9.25
C SER B 9 18.08 3.91 -9.82
N VAL B 10 17.80 3.53 -11.07
CA VAL B 10 18.63 2.61 -11.87
C VAL B 10 18.80 3.28 -13.21
N GLU B 11 19.98 3.10 -13.84
CA GLU B 11 20.34 3.70 -15.13
C GLU B 11 20.49 2.59 -16.18
N PHE B 12 20.19 2.93 -17.41
CA PHE B 12 20.41 2.06 -18.57
C PHE B 12 20.89 2.96 -19.72
N THR B 13 21.55 2.33 -20.69
CA THR B 13 22.13 3.02 -21.84
C THR B 13 21.55 2.40 -23.13
N PHE B 14 21.98 2.89 -24.29
CA PHE B 14 21.66 2.36 -25.63
C PHE B 14 22.04 0.85 -25.68
N GLY B 15 22.98 0.44 -24.83
CA GLY B 15 23.50 -0.91 -24.75
C GLY B 15 22.64 -1.98 -24.11
N ASN B 16 21.69 -1.60 -23.23
CA ASN B 16 20.81 -2.56 -22.55
C ASN B 16 19.75 -3.10 -23.51
N ASP B 17 19.72 -4.42 -23.75
CA ASP B 17 18.69 -4.99 -24.62
C ASP B 17 17.44 -5.18 -23.80
N THR B 18 17.63 -5.44 -22.51
CA THR B 18 16.55 -5.60 -21.54
C THR B 18 16.91 -4.72 -20.34
N VAL B 19 15.92 -4.38 -19.51
CA VAL B 19 16.20 -3.63 -18.29
C VAL B 19 15.47 -4.27 -17.11
N VAL B 20 16.05 -4.09 -15.93
CA VAL B 20 15.47 -4.56 -14.69
C VAL B 20 15.19 -3.37 -13.74
N ILE B 21 13.97 -3.32 -13.19
CA ILE B 21 13.64 -2.30 -12.17
C ILE B 21 13.55 -3.05 -10.88
N PRO B 22 14.50 -2.86 -9.93
CA PRO B 22 14.48 -3.65 -8.69
C PRO B 22 13.34 -3.31 -7.74
N CYS B 23 12.89 -4.35 -7.05
CA CYS B 23 11.86 -4.25 -6.01
C CYS B 23 12.02 -5.41 -5.06
N PHE B 24 12.44 -5.12 -3.84
CA PHE B 24 12.74 -6.12 -2.84
C PHE B 24 12.07 -5.85 -1.49
N VAL B 25 11.10 -6.71 -1.10
CA VAL B 25 10.40 -6.68 0.20
C VAL B 25 11.34 -7.43 1.20
N THR B 26 11.69 -6.78 2.33
CA THR B 26 12.60 -7.34 3.35
C THR B 26 11.89 -8.22 4.41
N ASN B 27 10.57 -8.02 4.63
CA ASN B 27 9.81 -8.78 5.63
C ASN B 27 8.69 -9.63 5.02
N MET B 28 8.94 -10.12 3.80
CA MET B 28 8.01 -11.02 3.11
C MET B 28 7.97 -12.33 3.89
N GLU B 29 6.75 -12.86 4.15
CA GLU B 29 6.57 -14.08 4.93
C GLU B 29 5.46 -14.93 4.36
N ALA B 30 5.14 -14.73 3.07
CA ALA B 30 4.09 -15.45 2.33
C ALA B 30 4.45 -16.92 2.19
N GLN B 31 3.42 -17.76 2.27
CA GLN B 31 3.57 -19.21 2.16
C GLN B 31 3.28 -19.69 0.74
N ASN B 32 2.33 -18.99 0.07
CA ASN B 32 1.85 -19.30 -1.28
C ASN B 32 1.72 -17.97 -2.10
N THR B 33 1.71 -18.05 -3.46
CA THR B 33 1.59 -16.85 -4.29
C THR B 33 0.14 -16.32 -4.30
N THR B 34 -0.88 -17.17 -3.91
CA THR B 34 -2.31 -16.77 -3.82
C THR B 34 -2.48 -15.61 -2.81
N GLU B 35 -1.55 -15.48 -1.86
CA GLU B 35 -1.62 -14.46 -0.81
C GLU B 35 -1.07 -13.10 -1.27
N VAL B 36 -0.49 -13.06 -2.47
CA VAL B 36 0.25 -11.88 -2.92
C VAL B 36 -0.42 -11.14 -4.07
N TYR B 37 -0.26 -9.80 -4.10
CA TYR B 37 -0.71 -8.95 -5.19
C TYR B 37 0.44 -7.98 -5.47
N VAL B 38 0.70 -7.72 -6.74
CA VAL B 38 1.79 -6.79 -7.13
C VAL B 38 1.22 -5.74 -8.10
N LYS B 39 1.56 -4.46 -7.90
CA LYS B 39 1.23 -3.40 -8.87
C LYS B 39 2.51 -2.63 -9.17
N TRP B 40 2.83 -2.46 -10.44
CA TRP B 40 3.91 -1.61 -10.90
C TRP B 40 3.18 -0.47 -11.59
N LYS B 41 3.42 0.75 -11.10
CA LYS B 41 2.81 1.97 -11.63
C LYS B 41 3.89 2.81 -12.30
N PHE B 42 3.57 3.40 -13.48
CA PHE B 42 4.49 4.25 -14.19
C PHE B 42 3.71 5.52 -14.38
N LYS B 43 4.16 6.60 -13.70
CA LYS B 43 3.50 7.90 -13.73
C LYS B 43 2.02 7.77 -13.34
N GLY B 44 1.80 7.01 -12.24
CA GLY B 44 0.50 6.75 -11.62
C GLY B 44 -0.42 5.77 -12.33
N ARG B 45 0.01 5.22 -13.48
CA ARG B 45 -0.77 4.26 -14.25
C ARG B 45 -0.22 2.84 -14.01
N ASP B 46 -1.12 1.84 -13.80
CA ASP B 46 -0.71 0.42 -13.65
C ASP B 46 -0.20 -0.11 -14.98
N ILE B 47 1.07 -0.53 -15.00
CA ILE B 47 1.68 -1.05 -16.24
C ILE B 47 2.00 -2.53 -16.11
N TYR B 48 1.84 -3.07 -14.91
CA TYR B 48 1.99 -4.48 -14.60
C TYR B 48 1.30 -4.80 -13.31
N THR B 49 0.41 -5.82 -13.33
CA THR B 49 -0.22 -6.30 -12.10
C THR B 49 -0.15 -7.80 -12.04
N PHE B 50 0.05 -8.33 -10.85
CA PHE B 50 -0.01 -9.77 -10.63
C PHE B 50 -1.00 -10.00 -9.51
N ASP B 51 -2.09 -10.70 -9.83
CA ASP B 51 -3.13 -11.10 -8.88
C ASP B 51 -2.84 -12.56 -8.56
N GLY B 52 -2.24 -12.78 -7.41
CA GLY B 52 -1.89 -14.11 -6.91
C GLY B 52 -3.07 -15.06 -6.75
N ALA B 53 -4.24 -14.54 -6.35
CA ALA B 53 -5.44 -15.36 -6.17
C ALA B 53 -5.89 -15.98 -7.48
N LEU B 54 -5.68 -15.28 -8.60
CA LEU B 54 -6.04 -15.77 -9.93
C LEU B 54 -4.83 -16.18 -10.75
N ASN B 55 -3.60 -16.14 -10.17
CA ASN B 55 -2.32 -16.40 -10.84
C ASN B 55 -2.30 -15.66 -12.20
N LYS B 56 -2.85 -14.44 -12.21
CA LYS B 56 -3.02 -13.62 -13.41
C LYS B 56 -2.11 -12.37 -13.48
N SER B 57 -1.34 -12.31 -14.56
CA SER B 57 -0.45 -11.19 -14.91
C SER B 57 -1.15 -10.40 -16.00
N THR B 58 -1.20 -9.07 -15.84
CA THR B 58 -1.85 -8.15 -16.77
C THR B 58 -0.93 -6.97 -17.06
N VAL B 59 -0.72 -6.67 -18.37
CA VAL B 59 0.09 -5.54 -18.85
C VAL B 59 -0.65 -4.80 -19.96
N PRO B 60 -0.61 -3.45 -20.04
CA PRO B 60 -1.22 -2.80 -21.22
C PRO B 60 -0.32 -3.08 -22.44
N THR B 61 -0.92 -3.07 -23.63
CA THR B 61 -0.24 -3.42 -24.89
C THR B 61 0.97 -2.50 -25.23
N ASP B 62 1.06 -1.29 -24.61
CA ASP B 62 2.21 -0.37 -24.79
C ASP B 62 3.41 -0.76 -23.88
N PHE B 63 3.16 -1.73 -22.98
CA PHE B 63 4.14 -2.28 -22.07
C PHE B 63 4.14 -3.82 -22.16
N SER B 64 4.02 -4.35 -23.40
CA SER B 64 3.86 -5.79 -23.65
C SER B 64 4.96 -6.69 -23.08
N SER B 65 6.18 -6.18 -22.97
CA SER B 65 7.30 -6.99 -22.49
C SER B 65 7.46 -7.00 -20.97
N ALA B 66 6.66 -6.20 -20.26
CA ALA B 66 6.69 -6.06 -18.79
C ALA B 66 6.35 -7.36 -18.09
N LYS B 67 7.19 -7.78 -17.13
CA LYS B 67 6.96 -9.04 -16.40
C LYS B 67 7.76 -9.12 -15.14
N ILE B 68 7.34 -10.01 -14.24
CA ILE B 68 8.07 -10.31 -13.03
C ILE B 68 8.33 -11.85 -13.04
N GLU B 69 9.34 -12.32 -12.33
CA GLU B 69 9.63 -13.76 -12.19
C GLU B 69 8.78 -14.18 -10.96
N VAL B 70 7.52 -14.60 -11.19
CA VAL B 70 6.56 -15.00 -10.15
C VAL B 70 7.19 -15.92 -9.03
N SER B 71 8.09 -16.85 -9.40
CA SER B 71 8.73 -17.77 -8.44
C SER B 71 9.58 -17.04 -7.39
N GLN B 72 10.00 -15.81 -7.70
CA GLN B 72 10.82 -15.04 -6.78
C GLN B 72 10.02 -14.27 -5.75
N LEU B 73 8.69 -14.21 -5.89
CA LEU B 73 7.81 -13.45 -4.99
C LEU B 73 7.93 -13.87 -3.53
N LEU B 74 8.00 -15.18 -3.25
CA LEU B 74 8.10 -15.67 -1.86
C LEU B 74 9.41 -15.24 -1.22
N LYS B 75 10.42 -14.93 -2.04
CA LYS B 75 11.70 -14.39 -1.58
C LYS B 75 11.63 -12.85 -1.35
N GLY B 76 10.49 -12.24 -1.69
CA GLY B 76 10.29 -10.80 -1.56
C GLY B 76 10.74 -10.04 -2.81
N ASP B 77 11.22 -10.76 -3.83
CA ASP B 77 11.67 -10.12 -5.09
C ASP B 77 10.47 -9.92 -6.02
N ALA B 78 10.12 -8.64 -6.33
CA ALA B 78 9.01 -8.29 -7.23
C ALA B 78 9.56 -7.42 -8.36
N SER B 79 10.86 -7.57 -8.65
CA SER B 79 11.58 -6.80 -9.67
C SER B 79 10.90 -6.94 -11.05
N LEU B 80 10.76 -5.82 -11.74
CA LEU B 80 10.11 -5.76 -13.04
C LEU B 80 11.17 -5.91 -14.14
N LYS B 81 10.84 -6.69 -15.16
CA LYS B 81 11.72 -6.93 -16.29
C LYS B 81 10.99 -6.43 -17.54
N MET B 82 11.70 -5.74 -18.43
CA MET B 82 11.14 -5.25 -19.70
C MET B 82 12.24 -5.21 -20.78
N ASP B 83 11.82 -5.08 -22.02
CA ASP B 83 12.79 -4.98 -23.11
C ASP B 83 13.14 -3.49 -23.34
N LYS B 84 14.23 -3.20 -24.08
CA LYS B 84 14.67 -1.82 -24.30
C LYS B 84 13.62 -0.93 -24.96
N SER B 85 12.80 -1.46 -25.90
CA SER B 85 11.80 -0.58 -26.54
C SER B 85 10.82 0.00 -25.53
N ASP B 86 10.36 -0.84 -24.57
CA ASP B 86 9.47 -0.37 -23.50
C ASP B 86 10.21 0.53 -22.51
N ALA B 87 11.47 0.22 -22.18
CA ALA B 87 12.27 1.06 -21.26
C ALA B 87 12.50 2.47 -21.84
N VAL B 88 12.98 2.55 -23.09
CA VAL B 88 13.27 3.85 -23.73
C VAL B 88 11.98 4.73 -23.82
N SER B 89 10.79 4.12 -24.05
CA SER B 89 9.56 4.89 -24.17
C SER B 89 8.89 5.11 -22.81
N HIS B 90 9.45 4.55 -21.72
CA HIS B 90 8.85 4.79 -20.41
C HIS B 90 9.92 5.09 -19.34
N THR B 91 10.73 6.16 -19.52
CA THR B 91 11.74 6.50 -18.50
C THR B 91 11.08 7.40 -17.47
N GLY B 92 11.47 7.26 -16.23
CA GLY B 92 10.91 8.09 -15.19
C GLY B 92 10.67 7.30 -13.93
N ASN B 93 9.77 7.82 -13.10
CA ASN B 93 9.49 7.18 -11.83
C ASN B 93 8.46 6.08 -11.92
N TYR B 94 8.79 4.95 -11.30
CA TYR B 94 7.92 3.78 -11.17
C TYR B 94 7.64 3.56 -9.70
N THR B 95 6.47 3.02 -9.40
CA THR B 95 6.15 2.62 -8.05
C THR B 95 5.94 1.11 -8.07
N CYS B 96 6.54 0.41 -7.13
CA CYS B 96 6.32 -1.02 -6.92
C CYS B 96 5.51 -1.19 -5.64
N GLU B 97 4.30 -1.74 -5.77
CA GLU B 97 3.41 -1.98 -4.65
C GLU B 97 3.17 -3.46 -4.46
N VAL B 98 3.42 -3.91 -3.24
CA VAL B 98 3.24 -5.32 -2.92
C VAL B 98 2.27 -5.43 -1.74
N THR B 99 1.40 -6.46 -1.81
CA THR B 99 0.41 -6.80 -0.77
C THR B 99 0.61 -8.29 -0.46
N GLU B 100 0.60 -8.62 0.85
CA GLU B 100 0.66 -10.01 1.32
C GLU B 100 -0.43 -10.09 2.37
N LEU B 101 -1.57 -10.76 2.03
CA LEU B 101 -2.78 -10.82 2.87
C LEU B 101 -3.27 -9.40 3.19
N THR B 102 -3.09 -8.92 4.42
CA THR B 102 -3.50 -7.56 4.80
C THR B 102 -2.26 -6.62 4.93
N ARG B 103 -1.04 -7.08 4.74
CA ARG B 103 0.09 -6.16 4.81
C ARG B 103 0.34 -5.60 3.44
N GLU B 104 0.65 -4.30 3.38
CA GLU B 104 0.93 -3.66 2.10
C GLU B 104 2.04 -2.66 2.24
N GLY B 105 2.64 -2.32 1.10
CA GLY B 105 3.65 -1.28 1.04
C GLY B 105 4.01 -0.97 -0.38
N GLU B 106 4.73 0.13 -0.57
CA GLU B 106 5.24 0.49 -1.87
C GLU B 106 6.57 1.17 -1.75
N THR B 107 7.27 1.23 -2.88
CA THR B 107 8.55 1.93 -3.02
C THR B 107 8.62 2.54 -4.40
N ILE B 108 9.44 3.61 -4.55
CA ILE B 108 9.61 4.30 -5.84
C ILE B 108 11.04 4.12 -6.33
N ILE B 109 11.17 3.89 -7.65
CA ILE B 109 12.44 3.75 -8.34
C ILE B 109 12.36 4.62 -9.59
N GLU B 110 13.40 5.43 -9.83
CA GLU B 110 13.46 6.17 -11.08
C GLU B 110 14.24 5.35 -12.13
N LEU B 111 13.68 5.12 -13.32
CA LEU B 111 14.44 4.47 -14.41
C LEU B 111 15.05 5.62 -15.18
N LYS B 112 16.39 5.73 -15.22
CA LYS B 112 17.04 6.87 -15.90
C LYS B 112 17.85 6.46 -17.11
N TYR B 113 17.71 7.18 -18.23
CA TYR B 113 18.51 6.88 -19.42
C TYR B 113 19.80 7.68 -19.32
N ARG B 114 20.94 7.04 -19.62
CA ARG B 114 22.27 7.71 -19.62
C ARG B 114 22.88 7.65 -21.01
N VAL B 115 23.15 8.82 -21.60
CA VAL B 115 23.80 8.98 -22.90
C VAL B 115 25.27 8.68 -22.66
N VAL B 116 25.85 7.77 -23.48
CA VAL B 116 27.28 7.43 -23.34
C VAL B 116 27.93 7.43 -24.71
N SER B 117 29.23 7.16 -24.76
CA SER B 117 29.97 7.14 -26.03
C SER B 117 29.94 5.73 -26.63
N TRP B 118 29.75 5.64 -27.96
CA TRP B 118 29.66 4.40 -28.75
C TRP B 118 30.56 4.47 -29.97
N SER B 119 31.06 3.31 -30.44
CA SER B 119 31.87 3.14 -31.64
C SER B 119 31.02 2.38 -32.64
N THR B 120 30.59 3.12 -33.69
CA THR B 120 29.71 2.80 -34.80
C THR B 120 29.05 1.41 -34.75
#